data_6C0D
#
_entry.id   6C0D
#
_cell.length_a   136.620
_cell.length_b   136.620
_cell.length_c   67.510
_cell.angle_alpha   90.000
_cell.angle_beta   90.000
_cell.angle_gamma   120.000
#
_symmetry.space_group_name_H-M   'P 32 2 1'
#
loop_
_entity.id
_entity.type
_entity.pdbx_description
1 polymer 'Amidase, hydantoinase/carbamoylase family'
2 non-polymer 'ZINC ION'
3 non-polymer '4-(2-HYDROXYETHYL)-1-PIPERAZINE ETHANESULFONIC ACID'
4 non-polymer 'SULFATE ION'
5 non-polymer 1,2-ETHANEDIOL
6 water water
#
_entity_poly.entity_id   1
_entity_poly.type   'polypeptide(L)'
_entity_poly.pdbx_seq_one_letter_code
;MAHHHHHHMHEDFPRIDPIRLLDDLKTLRSFGATGPGVVRLSLSPVDIDARRWLAGRMTDAGLDAAIDGVGTVFGRSRKP
GPALVIGSHSDTQPTGGWLDGALGVIYGLEIARALGECEATREFAVDVASWIDEEGTFSSFLGSRSFVGDAIDDSLRSAR
NHEGLLLGDALAQAGLANTPRVTLDRKRQRAYLEPHIEQGGRLEASAKLIGVVTTIVGIREFQLRFIGQRNHAGTTPMAI
RRDAGAALVAFIAHIDDAFGRLADADTVWTVGRIDLDPGSFSVVPGKAVLHLQFRDANPNRLHAMENALVALVDEWNGQH
LVRAELIACEGAEEPVTMDAALQQHLAQAADALAPGQWMHMPSGASHDAQVIAQHIPACMLFVPSIGGVSHDFIEDTAEQ
HIVLGCEVAARAAARIAGALRR
;
_entity_poly.pdbx_strand_id   A
#
loop_
_chem_comp.id
_chem_comp.type
_chem_comp.name
_chem_comp.formula
EDO non-polymer 1,2-ETHANEDIOL 'C2 H6 O2'
EPE non-polymer '4-(2-HYDROXYETHYL)-1-PIPERAZINE ETHANESULFONIC ACID' 'C8 H18 N2 O4 S'
SO4 non-polymer 'SULFATE ION' 'O4 S -2'
ZN non-polymer 'ZINC ION' 'Zn 2'
#
# COMPACT_ATOMS: atom_id res chain seq x y z
N GLU A 11 31.74 -1.33 16.95
CA GLU A 11 30.91 -0.97 15.80
C GLU A 11 30.22 0.37 16.02
N ASP A 12 30.52 1.35 15.18
CA ASP A 12 29.90 2.67 15.27
C ASP A 12 28.65 2.72 14.39
N PHE A 13 27.58 3.21 14.97
CA PHE A 13 26.33 3.30 14.22
C PHE A 13 25.97 4.76 13.99
N PRO A 14 25.23 5.04 12.91
CA PRO A 14 24.82 6.42 12.65
C PRO A 14 23.82 6.90 13.68
N ARG A 15 23.68 8.21 13.75
CA ARG A 15 22.77 8.86 14.71
C ARG A 15 21.89 9.85 13.93
N ILE A 16 20.57 9.58 13.87
CA ILE A 16 19.70 10.52 13.18
C ILE A 16 19.59 11.80 14.02
N ASP A 17 19.09 12.84 13.38
CA ASP A 17 18.81 14.10 14.06
C ASP A 17 17.29 14.16 14.19
N PRO A 18 16.72 13.91 15.37
CA PRO A 18 15.26 13.82 15.47
C PRO A 18 14.57 15.14 15.23
N ILE A 19 15.22 16.25 15.54
CA ILE A 19 14.60 17.55 15.29
C ILE A 19 14.51 17.81 13.80
N ARG A 20 15.61 17.54 13.07
CA ARG A 20 15.62 17.68 11.62
C ARG A 20 14.57 16.79 10.97
N LEU A 21 14.44 15.55 11.46
CA LEU A 21 13.43 14.63 10.94
C LEU A 21 12.02 15.20 11.09
N LEU A 22 11.64 15.59 12.30
CA LEU A 22 10.30 16.12 12.54
C LEU A 22 10.07 17.43 11.78
N ASP A 23 11.10 18.29 11.71
CA ASP A 23 10.94 19.55 10.97
C ASP A 23 10.57 19.29 9.51
N ASP A 24 11.26 18.34 8.87
CA ASP A 24 10.96 18.01 7.48
C ASP A 24 9.57 17.40 7.33
N LEU A 25 9.18 16.50 8.25
CA LEU A 25 7.83 15.95 8.19
C LEU A 25 6.78 17.05 8.29
N LYS A 26 7.00 18.04 9.16
CA LYS A 26 6.01 19.09 9.33
C LYS A 26 6.04 20.08 8.18
N THR A 27 7.21 20.30 7.58
CA THR A 27 7.26 21.14 6.39
C THR A 27 6.51 20.49 5.23
N LEU A 28 6.71 19.18 5.03
CA LEU A 28 5.97 18.50 3.97
C LEU A 28 4.46 18.55 4.24
N ARG A 29 4.06 18.43 5.51
CA ARG A 29 2.64 18.53 5.86
CA ARG A 29 2.64 18.53 5.86
C ARG A 29 2.04 19.86 5.42
N SER A 30 2.82 20.94 5.44
CA SER A 30 2.27 22.25 5.11
C SER A 30 1.85 22.35 3.63
N PHE A 31 2.38 21.49 2.77
CA PHE A 31 1.96 21.45 1.36
C PHE A 31 0.67 20.64 1.27
N GLY A 32 -0.46 21.34 1.31
CA GLY A 32 -1.75 20.71 1.19
C GLY A 32 -2.51 20.52 2.49
N ALA A 33 -1.97 21.01 3.60
CA ALA A 33 -2.64 20.84 4.89
C ALA A 33 -4.08 21.34 4.82
N THR A 34 -5.00 20.48 5.22
CA THR A 34 -6.44 20.78 5.18
C THR A 34 -7.03 20.23 6.46
N GLY A 35 -7.28 21.11 7.43
CA GLY A 35 -7.76 20.70 8.73
C GLY A 35 -6.81 19.74 9.40
N PRO A 36 -7.30 18.55 9.76
CA PRO A 36 -6.44 17.56 10.41
C PRO A 36 -5.63 16.70 9.46
N GLY A 37 -5.78 16.88 8.15
CA GLY A 37 -5.06 16.05 7.20
C GLY A 37 -4.36 16.82 6.10
N VAL A 38 -4.12 16.15 4.98
CA VAL A 38 -3.37 16.71 3.87
C VAL A 38 -4.07 16.33 2.57
N VAL A 39 -4.28 17.29 1.69
CA VAL A 39 -4.84 17.04 0.37
C VAL A 39 -3.75 17.38 -0.63
N ARG A 40 -3.19 16.35 -1.27
CA ARG A 40 -2.04 16.55 -2.15
C ARG A 40 -2.09 15.46 -3.23
N LEU A 41 -2.99 15.66 -4.19
CA LEU A 41 -3.17 14.69 -5.26
C LEU A 41 -2.05 14.79 -6.28
N SER A 42 -1.61 13.63 -6.79
CA SER A 42 -0.51 13.56 -7.75
C SER A 42 -0.65 14.60 -8.85
N LEU A 43 0.43 15.37 -9.06
CA LEU A 43 0.63 16.34 -10.15
C LEU A 43 -0.25 17.58 -10.02
N SER A 44 -1.02 17.73 -8.94
CA SER A 44 -1.69 18.99 -8.68
C SER A 44 -0.64 20.06 -8.36
N PRO A 45 -1.00 21.34 -8.49
CA PRO A 45 -0.02 22.40 -8.16
C PRO A 45 0.60 22.25 -6.78
N VAL A 46 -0.18 21.89 -5.76
CA VAL A 46 0.40 21.77 -4.43
C VAL A 46 1.32 20.55 -4.36
N ASP A 47 0.97 19.48 -5.06
CA ASP A 47 1.85 18.31 -5.10
C ASP A 47 3.17 18.65 -5.80
N ILE A 48 3.10 19.36 -6.92
CA ILE A 48 4.32 19.75 -7.60
C ILE A 48 5.18 20.65 -6.71
N ASP A 49 4.53 21.59 -6.00
CA ASP A 49 5.26 22.47 -5.08
C ASP A 49 6.01 21.65 -4.04
N ALA A 50 5.34 20.66 -3.46
CA ALA A 50 5.97 19.80 -2.46
C ALA A 50 7.13 19.01 -3.06
N ARG A 51 6.99 18.60 -4.32
CA ARG A 51 8.05 17.83 -4.97
C ARG A 51 9.27 18.70 -5.23
N ARG A 52 9.06 19.96 -5.61
CA ARG A 52 10.19 20.87 -5.79
C ARG A 52 10.91 21.09 -4.46
N TRP A 53 10.15 21.28 -3.38
CA TRP A 53 10.76 21.42 -2.06
C TRP A 53 11.56 20.17 -1.72
N LEU A 54 10.95 19.01 -1.92
CA LEU A 54 11.61 17.75 -1.59
C LEU A 54 12.91 17.57 -2.38
N ALA A 55 12.88 17.88 -3.68
CA ALA A 55 14.08 17.74 -4.48
C ALA A 55 15.17 18.67 -3.97
N GLY A 56 14.79 19.87 -3.52
CA GLY A 56 15.77 20.77 -2.93
C GLY A 56 16.39 20.23 -1.66
N ARG A 57 15.57 19.59 -0.81
CA ARG A 57 16.08 18.98 0.41
C ARG A 57 17.04 17.84 0.09
N MET A 58 16.71 17.03 -0.93
CA MET A 58 17.62 15.98 -1.35
C MET A 58 18.93 16.56 -1.85
N THR A 59 18.85 17.66 -2.61
CA THR A 59 20.06 18.31 -3.08
C THR A 59 20.88 18.83 -1.91
N ASP A 60 20.21 19.48 -0.93
CA ASP A 60 20.90 19.93 0.27
C ASP A 60 21.63 18.78 0.96
N ALA A 61 21.05 17.59 0.92
CA ALA A 61 21.65 16.43 1.55
C ALA A 61 22.82 15.86 0.74
N GLY A 62 23.09 16.40 -0.46
CA GLY A 62 24.15 15.89 -1.30
C GLY A 62 23.75 14.85 -2.32
N LEU A 63 22.46 14.61 -2.52
CA LEU A 63 22.03 13.66 -3.55
C LEU A 63 21.86 14.36 -4.90
N ASP A 64 21.95 13.57 -5.96
CA ASP A 64 21.64 14.01 -7.33
CA ASP A 64 21.64 14.02 -7.32
C ASP A 64 20.14 13.84 -7.51
N ALA A 65 19.40 14.94 -7.39
CA ALA A 65 17.95 14.87 -7.24
C ALA A 65 17.21 15.60 -8.34
N ALA A 66 16.06 15.05 -8.75
CA ALA A 66 15.22 15.68 -9.76
C ALA A 66 13.83 15.07 -9.72
N ILE A 67 12.85 15.85 -10.16
CA ILE A 67 11.52 15.32 -10.49
C ILE A 67 11.60 14.73 -11.90
N ASP A 68 11.25 13.45 -12.06
CA ASP A 68 11.47 12.79 -13.34
C ASP A 68 10.25 12.95 -14.26
N GLY A 69 10.27 12.24 -15.38
CA GLY A 69 9.27 12.37 -16.43
C GLY A 69 7.87 11.92 -16.05
N VAL A 70 7.70 11.17 -14.95
CA VAL A 70 6.36 10.82 -14.49
C VAL A 70 6.00 11.52 -13.19
N GLY A 71 6.89 12.34 -12.64
CA GLY A 71 6.62 13.04 -11.41
C GLY A 71 7.22 12.40 -10.17
N THR A 72 7.97 11.32 -10.31
CA THR A 72 8.69 10.77 -9.17
C THR A 72 9.80 11.72 -8.76
N VAL A 73 10.00 11.90 -7.46
CA VAL A 73 11.17 12.63 -6.97
C VAL A 73 12.20 11.57 -6.60
N PHE A 74 13.36 11.63 -7.22
CA PHE A 74 14.40 10.64 -6.97
C PHE A 74 15.72 11.36 -6.68
N GLY A 75 16.31 11.05 -5.53
CA GLY A 75 17.60 11.57 -5.16
C GLY A 75 18.61 10.44 -5.17
N ARG A 76 19.47 10.43 -6.19
CA ARG A 76 20.44 9.35 -6.38
C ARG A 76 21.72 9.70 -5.64
N SER A 77 22.24 8.74 -4.88
CA SER A 77 23.54 8.94 -4.26
C SER A 77 24.62 9.23 -5.31
N ARG A 78 25.61 10.04 -4.93
CA ARG A 78 26.77 10.25 -5.79
CA ARG A 78 26.79 10.27 -5.75
C ARG A 78 27.92 9.28 -5.48
N LYS A 79 27.75 8.43 -4.49
CA LYS A 79 28.78 7.49 -4.05
C LYS A 79 28.79 6.24 -4.93
N PRO A 80 29.94 5.60 -5.10
CA PRO A 80 30.04 4.42 -5.96
C PRO A 80 29.55 3.18 -5.23
N GLY A 81 29.50 2.06 -5.96
CA GLY A 81 29.17 0.79 -5.36
C GLY A 81 27.68 0.52 -5.24
N PRO A 82 27.32 -0.56 -4.54
CA PRO A 82 25.90 -0.95 -4.47
C PRO A 82 25.10 0.00 -3.60
N ALA A 83 23.82 0.17 -3.97
CA ALA A 83 22.98 1.18 -3.35
C ALA A 83 21.76 0.54 -2.69
N LEU A 84 21.36 1.12 -1.58
CA LEU A 84 20.08 0.87 -0.94
C LEU A 84 19.14 2.01 -1.29
N VAL A 85 17.94 1.69 -1.78
CA VAL A 85 16.91 2.68 -2.09
C VAL A 85 15.92 2.71 -0.93
N ILE A 86 15.64 3.90 -0.39
CA ILE A 86 14.66 4.03 0.69
C ILE A 86 13.62 5.03 0.23
N GLY A 87 12.35 4.68 0.37
CA GLY A 87 11.36 5.67 -0.04
C GLY A 87 9.95 5.23 0.25
N SER A 88 9.02 5.98 -0.32
CA SER A 88 7.59 5.70 -0.25
C SER A 88 6.92 6.63 -1.25
N HIS A 89 5.74 7.16 -0.94
CA HIS A 89 5.05 8.09 -1.82
C HIS A 89 4.70 9.35 -1.05
N SER A 90 4.53 10.48 -1.75
CA SER A 90 4.09 11.69 -1.06
C SER A 90 2.78 12.25 -1.60
N ASP A 91 2.14 11.56 -2.54
CA ASP A 91 0.79 11.93 -2.96
C ASP A 91 -0.22 11.34 -1.98
N THR A 92 -1.41 11.93 -1.96
CA THR A 92 -2.46 11.50 -1.04
C THR A 92 -3.71 11.13 -1.82
N GLN A 93 -4.62 10.48 -1.12
CA GLN A 93 -6.01 10.38 -1.53
C GLN A 93 -6.70 11.70 -1.21
N PRO A 94 -7.95 11.90 -1.65
CA PRO A 94 -8.66 13.14 -1.29
C PRO A 94 -8.77 13.36 0.20
N THR A 95 -8.84 12.29 1.00
CA THR A 95 -8.87 12.40 2.46
C THR A 95 -7.61 11.81 3.07
N GLY A 96 -6.43 12.39 2.77
CA GLY A 96 -5.18 11.86 3.27
C GLY A 96 -4.76 12.38 4.64
N GLY A 97 -3.88 11.61 5.29
CA GLY A 97 -3.26 12.00 6.53
C GLY A 97 -1.81 12.45 6.32
N TRP A 98 -1.22 13.01 7.37
CA TRP A 98 0.06 13.68 7.18
C TRP A 98 1.24 12.71 7.19
N LEU A 99 1.02 11.44 7.55
CA LEU A 99 2.12 10.50 7.62
C LEU A 99 2.03 9.35 6.61
N ASP A 100 0.86 9.08 6.05
CA ASP A 100 0.77 8.02 5.04
C ASP A 100 1.62 8.41 3.84
N GLY A 101 2.64 7.60 3.59
CA GLY A 101 3.57 7.88 2.51
C GLY A 101 4.68 8.83 2.92
N ALA A 102 4.32 10.02 3.44
CA ALA A 102 5.31 11.00 3.85
C ALA A 102 6.33 10.42 4.82
N LEU A 103 5.89 9.55 5.73
CA LEU A 103 6.80 8.97 6.70
C LEU A 103 8.02 8.34 6.03
N GLY A 104 7.79 7.47 5.04
CA GLY A 104 8.91 6.73 4.47
C GLY A 104 9.78 7.59 3.57
N VAL A 105 9.19 8.59 2.91
CA VAL A 105 9.99 9.52 2.11
C VAL A 105 10.96 10.29 2.99
N ILE A 106 10.44 10.89 4.08
CA ILE A 106 11.30 11.69 4.94
C ILE A 106 12.25 10.81 5.76
N TYR A 107 11.80 9.62 6.19
CA TYR A 107 12.76 8.67 6.76
C TYR A 107 13.92 8.43 5.81
N GLY A 108 13.61 8.20 4.54
CA GLY A 108 14.69 7.94 3.58
C GLY A 108 15.67 9.09 3.51
N LEU A 109 15.15 10.32 3.47
CA LEU A 109 16.00 11.50 3.45
C LEU A 109 16.88 11.57 4.69
N GLU A 110 16.26 11.39 5.87
CA GLU A 110 17.04 11.51 7.10
C GLU A 110 18.07 10.40 7.20
N ILE A 111 17.70 9.20 6.77
CA ILE A 111 18.65 8.08 6.82
C ILE A 111 19.82 8.33 5.89
N ALA A 112 19.55 8.87 4.70
CA ALA A 112 20.66 9.24 3.80
C ALA A 112 21.57 10.26 4.46
N ARG A 113 20.97 11.27 5.11
CA ARG A 113 21.77 12.28 5.81
C ARG A 113 22.58 11.65 6.92
N ALA A 114 21.93 10.85 7.78
CA ALA A 114 22.62 10.31 8.95
C ALA A 114 23.72 9.33 8.56
N LEU A 115 23.49 8.48 7.55
CA LEU A 115 24.55 7.55 7.16
C LEU A 115 25.72 8.29 6.54
N GLY A 116 25.45 9.42 5.87
CA GLY A 116 26.52 10.23 5.32
C GLY A 116 27.32 10.97 6.38
N GLU A 117 26.73 11.20 7.54
CA GLU A 117 27.38 11.94 8.62
C GLU A 117 28.18 11.05 9.55
N CYS A 118 28.10 9.73 9.41
CA CYS A 118 28.82 8.81 10.27
C CYS A 118 30.00 8.23 9.48
N GLU A 119 31.22 8.37 10.03
CA GLU A 119 32.43 7.95 9.32
CA GLU A 119 32.40 7.96 9.27
C GLU A 119 32.33 6.49 8.87
N ALA A 120 31.80 5.63 9.73
CA ALA A 120 31.74 4.19 9.42
C ALA A 120 30.76 3.86 8.29
N THR A 121 29.75 4.69 8.02
CA THR A 121 28.77 4.43 6.97
C THR A 121 28.85 5.45 5.84
N ARG A 122 29.82 6.35 5.88
CA ARG A 122 29.87 7.47 4.94
C ARG A 122 29.95 6.98 3.50
N GLU A 123 30.61 5.84 3.26
CA GLU A 123 30.78 5.36 1.89
C GLU A 123 29.51 4.79 1.28
N PHE A 124 28.49 4.47 2.08
CA PHE A 124 27.39 3.65 1.59
C PHE A 124 26.45 4.48 0.73
N ALA A 125 26.19 4.02 -0.51
CA ALA A 125 25.23 4.70 -1.36
C ALA A 125 23.81 4.46 -0.89
N VAL A 126 23.07 5.54 -0.63
CA VAL A 126 21.65 5.50 -0.27
C VAL A 126 20.91 6.42 -1.23
N ASP A 127 19.93 5.87 -1.96
CA ASP A 127 19.04 6.65 -2.83
C ASP A 127 17.72 6.89 -2.10
N VAL A 128 17.03 7.99 -2.42
CA VAL A 128 15.77 8.31 -1.77
C VAL A 128 14.69 8.56 -2.82
N ALA A 129 13.49 8.03 -2.60
CA ALA A 129 12.44 8.12 -3.63
C ALA A 129 11.09 8.52 -3.06
N SER A 130 10.37 9.35 -3.83
CA SER A 130 8.92 9.51 -3.68
C SER A 130 8.28 9.09 -5.01
N TRP A 131 7.74 7.86 -5.04
CA TRP A 131 7.14 7.35 -6.27
C TRP A 131 5.82 8.06 -6.54
N ILE A 132 5.64 8.54 -7.78
CA ILE A 132 4.42 9.28 -8.13
C ILE A 132 3.20 8.36 -8.07
N ASP A 133 2.08 8.90 -7.58
CA ASP A 133 0.74 8.33 -7.74
C ASP A 133 0.61 6.90 -7.23
N GLU A 134 1.14 6.64 -6.04
CA GLU A 134 0.82 5.38 -5.38
C GLU A 134 -0.68 5.27 -5.15
N GLU A 135 -1.36 6.38 -4.87
CA GLU A 135 -2.78 6.37 -4.55
C GLU A 135 -3.68 6.29 -5.77
N GLY A 136 -3.12 6.43 -6.97
CA GLY A 136 -3.91 6.24 -8.17
C GLY A 136 -4.89 7.35 -8.51
N THR A 137 -4.48 8.61 -8.37
CA THR A 137 -5.29 9.69 -8.90
C THR A 137 -5.45 9.55 -10.41
N PHE A 138 -4.39 9.12 -11.09
CA PHE A 138 -4.44 8.78 -12.51
C PHE A 138 -4.31 7.29 -12.76
N SER A 139 -3.28 6.65 -12.18
CA SER A 139 -2.98 5.25 -12.45
C SER A 139 -2.17 4.72 -11.27
N SER A 140 -2.73 3.75 -10.55
CA SER A 140 -2.11 3.31 -9.30
C SER A 140 -0.72 2.75 -9.53
N PHE A 141 0.19 3.12 -8.64
CA PHE A 141 1.60 2.69 -8.63
C PHE A 141 2.34 3.11 -9.90
N LEU A 142 1.91 4.20 -10.53
CA LEU A 142 2.57 4.68 -11.74
C LEU A 142 4.08 4.81 -11.53
N GLY A 143 4.49 5.35 -10.38
CA GLY A 143 5.90 5.62 -10.19
C GLY A 143 6.73 4.35 -10.00
N SER A 144 6.28 3.45 -9.14
CA SER A 144 7.08 2.24 -8.92
C SER A 144 7.02 1.33 -10.15
N ARG A 145 5.90 1.30 -10.86
CA ARG A 145 5.83 0.57 -12.14
C ARG A 145 6.82 1.14 -13.16
N SER A 146 6.85 2.47 -13.29
CA SER A 146 7.78 3.11 -14.21
C SER A 146 9.22 2.79 -13.84
N PHE A 147 9.54 2.87 -12.55
CA PHE A 147 10.90 2.62 -12.08
C PHE A 147 11.38 1.22 -12.45
N VAL A 148 10.58 0.18 -12.16
CA VAL A 148 11.01 -1.18 -12.45
C VAL A 148 10.81 -1.57 -13.90
N GLY A 149 10.27 -0.69 -14.72
CA GLY A 149 10.11 -1.02 -16.13
C GLY A 149 8.88 -1.83 -16.45
N ASP A 150 7.90 -1.92 -15.54
CA ASP A 150 6.60 -2.51 -15.85
C ASP A 150 5.89 -1.64 -16.89
N ALA A 151 4.85 -2.21 -17.51
CA ALA A 151 4.15 -1.50 -18.59
C ALA A 151 3.43 -0.27 -18.07
N ILE A 152 3.68 0.89 -18.71
CA ILE A 152 3.01 2.13 -18.37
C ILE A 152 2.52 2.89 -19.60
N ASP A 153 2.76 2.36 -20.80
CA ASP A 153 2.45 3.11 -22.02
C ASP A 153 0.96 3.37 -22.17
N ASP A 154 0.13 2.35 -21.91
CA ASP A 154 -1.31 2.56 -21.93
C ASP A 154 -1.72 3.66 -20.96
N SER A 155 -1.16 3.62 -19.75
CA SER A 155 -1.51 4.62 -18.74
C SER A 155 -1.11 6.02 -19.19
N LEU A 156 0.11 6.16 -19.72
CA LEU A 156 0.58 7.46 -20.19
C LEU A 156 -0.30 8.01 -21.29
N ARG A 157 -0.95 7.13 -22.05
CA ARG A 157 -1.71 7.54 -23.22
C ARG A 157 -3.16 7.86 -22.90
N SER A 158 -3.76 7.15 -21.94
CA SER A 158 -5.20 7.25 -21.74
C SER A 158 -5.66 7.35 -20.29
N ALA A 159 -4.77 7.34 -19.30
CA ALA A 159 -5.22 7.46 -17.93
C ALA A 159 -5.71 8.88 -17.66
N ARG A 160 -6.82 8.98 -16.92
CA ARG A 160 -7.39 10.27 -16.55
C ARG A 160 -7.69 10.27 -15.04
N ASN A 161 -7.76 11.48 -14.48
CA ASN A 161 -8.17 11.64 -13.09
C ASN A 161 -9.68 11.85 -13.00
N HIS A 162 -10.17 12.18 -11.81
CA HIS A 162 -11.61 12.31 -11.59
C HIS A 162 -12.23 13.38 -12.48
N GLU A 163 -11.50 14.46 -12.74
CA GLU A 163 -11.96 15.51 -13.64
C GLU A 163 -11.79 15.16 -15.11
N GLY A 164 -11.35 13.93 -15.42
CA GLY A 164 -11.10 13.54 -16.80
C GLY A 164 -9.84 14.09 -17.41
N LEU A 165 -8.98 14.73 -16.60
CA LEU A 165 -7.72 15.25 -17.11
C LEU A 165 -6.76 14.11 -17.42
N LEU A 166 -6.25 14.08 -18.66
CA LEU A 166 -5.32 13.05 -19.06
C LEU A 166 -4.01 13.15 -18.29
N LEU A 167 -3.46 12.00 -17.92
CA LEU A 167 -2.16 11.96 -17.26
C LEU A 167 -1.10 12.64 -18.11
N GLY A 168 -1.07 12.34 -19.42
CA GLY A 168 -0.11 12.98 -20.30
C GLY A 168 -0.23 14.50 -20.28
N ASP A 169 -1.48 15.00 -20.24
CA ASP A 169 -1.68 16.44 -20.14
C ASP A 169 -1.21 16.97 -18.79
N ALA A 170 -1.48 16.23 -17.71
CA ALA A 170 -1.06 16.67 -16.38
C ALA A 170 0.45 16.79 -16.29
N LEU A 171 1.18 15.85 -16.90
CA LEU A 171 2.63 15.90 -16.87
C LEU A 171 3.17 17.09 -17.65
N ALA A 172 2.60 17.34 -18.84
CA ALA A 172 3.02 18.51 -19.61
C ALA A 172 2.76 19.79 -18.83
N GLN A 173 1.61 19.89 -18.17
CA GLN A 173 1.31 21.06 -17.37
C GLN A 173 2.24 21.20 -16.18
N ALA A 174 2.73 20.09 -15.62
CA ALA A 174 3.70 20.17 -14.53
C ALA A 174 5.11 20.52 -15.00
N GLY A 175 5.33 20.63 -16.31
CA GLY A 175 6.63 20.94 -16.83
C GLY A 175 7.52 19.74 -17.08
N LEU A 176 6.95 18.54 -17.12
CA LEU A 176 7.72 17.30 -17.13
C LEU A 176 7.73 16.61 -18.49
N ALA A 177 7.24 17.28 -19.53
CA ALA A 177 6.94 16.61 -20.79
C ALA A 177 8.20 16.01 -21.43
N ASN A 178 9.34 16.67 -21.29
CA ASN A 178 10.55 16.22 -21.95
C ASN A 178 11.65 15.94 -20.94
N THR A 179 11.29 15.28 -19.85
CA THR A 179 12.16 14.91 -18.76
C THR A 179 12.36 13.41 -18.75
N PRO A 180 13.59 12.92 -18.60
CA PRO A 180 13.81 11.48 -18.60
C PRO A 180 13.24 10.84 -17.33
N ARG A 181 12.80 9.60 -17.48
CA ARG A 181 12.25 8.85 -16.36
CA ARG A 181 12.25 8.83 -16.36
C ARG A 181 13.38 8.10 -15.66
N VAL A 182 13.32 8.08 -14.33
CA VAL A 182 14.28 7.30 -13.53
CA VAL A 182 14.29 7.30 -13.55
CA VAL A 182 14.28 7.31 -13.54
C VAL A 182 13.90 5.83 -13.60
N THR A 183 14.88 4.97 -13.83
CA THR A 183 14.61 3.55 -13.96
C THR A 183 15.60 2.77 -13.12
N LEU A 184 15.14 1.61 -12.69
CA LEU A 184 15.93 0.71 -11.87
C LEU A 184 17.18 0.24 -12.61
N ASP A 185 18.31 0.26 -11.91
CA ASP A 185 19.57 -0.32 -12.39
C ASP A 185 19.86 -1.51 -11.48
N ARG A 186 19.51 -2.71 -11.95
CA ARG A 186 19.63 -3.90 -11.12
C ARG A 186 21.07 -4.24 -10.74
N LYS A 187 22.07 -3.79 -11.52
CA LYS A 187 23.44 -4.05 -11.10
C LYS A 187 23.83 -3.17 -9.91
N ARG A 188 23.29 -1.94 -9.82
CA ARG A 188 23.64 -0.98 -8.78
C ARG A 188 22.70 -1.01 -7.58
N GLN A 189 21.39 -0.96 -7.80
CA GLN A 189 20.39 -0.86 -6.73
C GLN A 189 20.01 -2.25 -6.27
N ARG A 190 20.46 -2.64 -5.07
CA ARG A 190 20.36 -4.03 -4.69
CA ARG A 190 20.43 -4.01 -4.60
C ARG A 190 19.35 -4.30 -3.57
N ALA A 191 18.73 -3.25 -3.01
CA ALA A 191 17.75 -3.46 -1.94
C ALA A 191 16.87 -2.24 -1.85
N TYR A 192 15.64 -2.45 -1.38
CA TYR A 192 14.66 -1.36 -1.22
C TYR A 192 14.03 -1.48 0.17
N LEU A 193 13.97 -0.36 0.91
CA LEU A 193 13.31 -0.32 2.22
C LEU A 193 12.20 0.72 2.18
N GLU A 194 10.97 0.32 2.52
CA GLU A 194 9.85 1.28 2.61
C GLU A 194 9.29 1.33 4.03
N PRO A 195 9.63 2.34 4.82
CA PRO A 195 8.91 2.53 6.10
C PRO A 195 7.51 3.07 5.82
N HIS A 196 6.56 2.68 6.66
CA HIS A 196 5.18 3.15 6.46
C HIS A 196 4.43 3.10 7.80
N ILE A 197 3.42 3.97 7.96
CA ILE A 197 2.56 3.85 9.12
C ILE A 197 1.61 2.67 8.93
N GLU A 198 1.04 2.21 10.05
CA GLU A 198 -0.15 1.37 10.03
C GLU A 198 -1.14 1.92 11.06
N GLN A 199 -2.27 2.43 10.61
N GLN A 199 -2.27 2.44 10.58
CA GLN A 199 -3.36 2.76 11.55
CA GLN A 199 -3.41 2.83 11.40
C GLN A 199 -4.45 1.71 11.58
C GLN A 199 -4.42 1.71 11.58
N GLY A 200 -4.33 0.65 10.77
CA GLY A 200 -5.39 -0.36 10.73
C GLY A 200 -5.68 -1.00 12.07
N GLY A 201 -4.65 -1.33 12.83
CA GLY A 201 -4.90 -1.72 14.20
C GLY A 201 -4.07 -2.86 14.78
N ARG A 202 -3.49 -3.73 13.97
CA ARG A 202 -2.79 -4.89 14.54
CA ARG A 202 -2.79 -4.90 14.54
C ARG A 202 -1.61 -4.45 15.40
N LEU A 203 -0.77 -3.59 14.86
CA LEU A 203 0.31 -3.02 15.65
C LEU A 203 -0.24 -2.29 16.86
N GLU A 204 -1.26 -1.44 16.67
CA GLU A 204 -1.89 -0.76 17.81
C GLU A 204 -2.55 -1.74 18.77
N ALA A 205 -3.31 -2.70 18.26
CA ALA A 205 -3.99 -3.64 19.14
C ALA A 205 -3.01 -4.43 19.99
N SER A 206 -1.79 -4.69 19.47
CA SER A 206 -0.78 -5.39 20.25
C SER A 206 0.00 -4.47 21.17
N ALA A 207 -0.25 -3.15 21.09
CA ALA A 207 0.47 -2.13 21.87
C ALA A 207 1.97 -2.16 21.60
N LYS A 208 2.38 -2.68 20.45
CA LYS A 208 3.79 -2.68 20.04
C LYS A 208 4.09 -1.42 19.24
N LEU A 209 5.39 -1.14 19.06
CA LEU A 209 5.83 0.09 18.45
C LEU A 209 6.43 -0.10 17.04
N ILE A 210 6.84 -1.32 16.68
CA ILE A 210 7.57 -1.55 15.43
C ILE A 210 7.04 -2.83 14.82
N GLY A 211 6.69 -2.78 13.53
CA GLY A 211 6.32 -4.02 12.85
C GLY A 211 7.28 -4.33 11.72
N VAL A 212 7.75 -5.57 11.65
CA VAL A 212 8.61 -6.04 10.55
C VAL A 212 7.70 -6.80 9.59
N VAL A 213 7.54 -6.30 8.37
CA VAL A 213 6.53 -6.85 7.46
C VAL A 213 7.01 -8.16 6.82
N THR A 214 6.21 -9.22 6.95
CA THR A 214 6.56 -10.52 6.36
C THR A 214 6.18 -10.57 4.89
N THR A 215 4.94 -10.19 4.60
CA THR A 215 4.31 -10.42 3.30
C THR A 215 3.27 -9.33 3.11
N ILE A 216 3.17 -8.82 1.89
CA ILE A 216 2.04 -7.98 1.51
C ILE A 216 0.93 -8.87 0.97
N VAL A 217 -0.28 -8.78 1.56
CA VAL A 217 -1.29 -9.79 1.30
C VAL A 217 -1.76 -9.72 -0.14
N GLY A 218 -2.16 -10.88 -0.68
CA GLY A 218 -2.89 -10.89 -1.93
C GLY A 218 -4.35 -10.52 -1.71
N ILE A 219 -5.05 -10.18 -2.80
CA ILE A 219 -6.42 -9.66 -2.74
C ILE A 219 -7.29 -10.33 -3.79
N ARG A 220 -8.55 -10.60 -3.43
CA ARG A 220 -9.58 -10.98 -4.40
C ARG A 220 -10.82 -10.13 -4.16
N GLU A 221 -11.48 -9.76 -5.25
CA GLU A 221 -12.74 -9.03 -5.19
C GLU A 221 -13.75 -9.69 -6.12
N PHE A 222 -15.00 -9.77 -5.68
CA PHE A 222 -16.07 -10.37 -6.47
C PHE A 222 -17.35 -9.59 -6.26
N GLN A 223 -18.20 -9.61 -7.29
CA GLN A 223 -19.60 -9.31 -7.10
C GLN A 223 -20.36 -10.63 -7.12
N LEU A 224 -21.34 -10.75 -6.25
CA LEU A 224 -22.20 -11.91 -6.24
CA LEU A 224 -22.20 -11.91 -6.22
C LEU A 224 -23.63 -11.43 -6.41
N ARG A 225 -24.26 -11.84 -7.52
CA ARG A 225 -25.60 -11.44 -7.88
CA ARG A 225 -25.61 -11.43 -7.83
C ARG A 225 -26.58 -12.56 -7.57
N PHE A 226 -27.79 -12.19 -7.15
CA PHE A 226 -28.86 -13.12 -6.85
C PHE A 226 -30.06 -12.73 -7.69
N ILE A 227 -30.61 -13.69 -8.43
CA ILE A 227 -31.70 -13.41 -9.35
C ILE A 227 -32.89 -14.21 -8.89
N GLY A 228 -33.88 -13.52 -8.36
CA GLY A 228 -35.11 -14.14 -7.94
C GLY A 228 -36.30 -13.54 -8.69
N GLN A 229 -37.35 -13.18 -7.97
CA GLN A 229 -38.56 -12.68 -8.60
C GLN A 229 -39.17 -11.57 -7.75
N ARG A 230 -39.46 -10.43 -8.37
CA ARG A 230 -40.16 -9.35 -7.68
C ARG A 230 -41.57 -9.82 -7.35
N ASN A 231 -42.09 -9.37 -6.20
CA ASN A 231 -43.46 -9.69 -5.81
C ASN A 231 -43.97 -8.64 -4.84
N HIS A 232 -45.29 -8.53 -4.77
CA HIS A 232 -45.92 -7.64 -3.79
C HIS A 232 -45.70 -8.21 -2.39
N ALA A 233 -45.12 -7.40 -1.49
CA ALA A 233 -44.72 -7.91 -0.19
C ALA A 233 -45.90 -8.20 0.74
N GLY A 234 -47.09 -7.74 0.41
CA GLY A 234 -48.27 -7.99 1.23
C GLY A 234 -49.07 -9.18 0.74
N THR A 235 -49.23 -9.30 -0.58
CA THR A 235 -50.15 -10.29 -1.10
C THR A 235 -49.48 -11.63 -1.42
N THR A 236 -48.14 -11.68 -1.49
CA THR A 236 -47.42 -12.89 -1.89
C THR A 236 -47.11 -13.78 -0.68
N PRO A 237 -47.70 -14.97 -0.58
CA PRO A 237 -47.42 -15.83 0.58
C PRO A 237 -45.94 -16.17 0.66
N MET A 238 -45.45 -16.35 1.89
CA MET A 238 -44.02 -16.63 2.09
C MET A 238 -43.58 -17.86 1.32
N ALA A 239 -44.46 -18.86 1.21
CA ALA A 239 -44.06 -20.16 0.66
C ALA A 239 -43.70 -20.08 -0.81
N ILE A 240 -44.26 -19.12 -1.55
CA ILE A 240 -44.01 -19.08 -3.00
C ILE A 240 -43.01 -17.99 -3.39
N ARG A 241 -42.31 -17.41 -2.41
CA ARG A 241 -41.40 -16.30 -2.71
C ARG A 241 -40.07 -16.77 -3.27
N ARG A 242 -39.45 -15.88 -4.03
CA ARG A 242 -38.08 -16.04 -4.54
C ARG A 242 -37.37 -14.73 -4.24
N ASP A 243 -37.20 -14.47 -2.93
CA ASP A 243 -36.67 -13.19 -2.44
C ASP A 243 -35.16 -13.17 -2.62
N ALA A 244 -34.68 -12.32 -3.54
CA ALA A 244 -33.25 -12.29 -3.83
C ALA A 244 -32.45 -11.77 -2.65
N GLY A 245 -33.02 -10.86 -1.85
CA GLY A 245 -32.29 -10.35 -0.70
C GLY A 245 -32.18 -11.39 0.42
N ALA A 246 -33.21 -12.20 0.59
CA ALA A 246 -33.12 -13.28 1.58
C ALA A 246 -32.07 -14.30 1.18
N ALA A 247 -32.01 -14.63 -0.12
CA ALA A 247 -30.95 -15.51 -0.61
C ALA A 247 -29.58 -14.91 -0.32
N LEU A 248 -29.40 -13.62 -0.61
CA LEU A 248 -28.12 -12.98 -0.40
C LEU A 248 -27.67 -13.10 1.05
N VAL A 249 -28.58 -12.82 1.99
CA VAL A 249 -28.24 -12.83 3.41
CA VAL A 249 -28.13 -12.83 3.37
C VAL A 249 -27.89 -14.25 3.86
N ALA A 250 -28.66 -15.24 3.38
CA ALA A 250 -28.35 -16.63 3.72
C ALA A 250 -26.97 -17.01 3.16
N PHE A 251 -26.66 -16.53 1.96
CA PHE A 251 -25.40 -16.90 1.33
C PHE A 251 -24.22 -16.35 2.13
N ILE A 252 -24.37 -15.17 2.72
CA ILE A 252 -23.25 -14.61 3.48
C ILE A 252 -22.88 -15.55 4.63
N ALA A 253 -23.89 -16.17 5.26
CA ALA A 253 -23.56 -17.11 6.34
C ALA A 253 -22.77 -18.30 5.81
N HIS A 254 -23.07 -18.76 4.58
CA HIS A 254 -22.25 -19.83 4.00
C HIS A 254 -20.83 -19.37 3.76
N ILE A 255 -20.64 -18.13 3.29
CA ILE A 255 -19.28 -17.62 3.09
C ILE A 255 -18.52 -17.62 4.41
N ASP A 256 -19.15 -17.08 5.46
CA ASP A 256 -18.48 -16.98 6.75
C ASP A 256 -18.08 -18.36 7.27
N ASP A 257 -18.94 -19.34 7.07
CA ASP A 257 -18.64 -20.70 7.52
CA ASP A 257 -18.64 -20.69 7.53
C ASP A 257 -17.46 -21.27 6.74
N ALA A 258 -17.50 -21.18 5.42
CA ALA A 258 -16.44 -21.77 4.62
C ALA A 258 -15.11 -21.04 4.81
N PHE A 259 -15.14 -19.70 4.87
CA PHE A 259 -13.90 -18.97 5.06
C PHE A 259 -13.36 -19.14 6.47
N GLY A 260 -14.25 -19.22 7.47
CA GLY A 260 -13.78 -19.44 8.84
C GLY A 260 -13.04 -20.76 8.98
N ARG A 261 -13.48 -21.80 8.26
CA ARG A 261 -12.78 -23.08 8.30
C ARG A 261 -11.38 -23.00 7.68
N LEU A 262 -11.18 -22.11 6.70
CA LEU A 262 -9.88 -22.00 6.04
C LEU A 262 -8.94 -20.99 6.68
N ALA A 263 -9.49 -20.03 7.42
CA ALA A 263 -8.77 -18.86 7.89
C ALA A 263 -7.80 -19.20 9.02
N ASP A 264 -6.76 -18.36 9.16
CA ASP A 264 -6.07 -18.24 10.44
C ASP A 264 -6.41 -16.85 10.99
N ALA A 265 -5.73 -16.43 12.06
CA ALA A 265 -6.12 -15.19 12.72
C ALA A 265 -5.90 -13.96 11.85
N ASP A 266 -5.05 -14.07 10.81
CA ASP A 266 -4.74 -12.93 9.96
C ASP A 266 -5.62 -12.82 8.73
N THR A 267 -6.28 -13.90 8.32
CA THR A 267 -7.14 -13.85 7.13
C THR A 267 -8.23 -12.80 7.31
N VAL A 268 -8.54 -12.04 6.25
CA VAL A 268 -9.65 -11.07 6.32
C VAL A 268 -10.61 -11.27 5.15
N TRP A 269 -11.89 -10.99 5.42
CA TRP A 269 -12.88 -10.92 4.34
C TRP A 269 -13.98 -9.98 4.76
N THR A 270 -14.60 -9.33 3.77
CA THR A 270 -15.45 -8.18 4.03
C THR A 270 -16.55 -8.10 2.98
N VAL A 271 -17.80 -7.96 3.43
CA VAL A 271 -18.90 -7.59 2.55
C VAL A 271 -19.03 -6.08 2.68
N GLY A 272 -18.57 -5.36 1.66
CA GLY A 272 -18.54 -3.91 1.77
C GLY A 272 -19.80 -3.22 1.28
N ARG A 273 -20.60 -3.93 0.49
CA ARG A 273 -21.79 -3.33 -0.09
C ARG A 273 -22.85 -4.39 -0.32
N ILE A 274 -24.11 -4.01 -0.11
CA ILE A 274 -25.28 -4.84 -0.42
C ILE A 274 -26.34 -3.93 -1.04
N ASP A 275 -26.92 -4.35 -2.17
CA ASP A 275 -27.97 -3.59 -2.85
C ASP A 275 -29.12 -4.52 -3.18
N LEU A 276 -30.32 -4.16 -2.74
CA LEU A 276 -31.54 -4.89 -3.10
C LEU A 276 -32.33 -4.08 -4.12
N ASP A 277 -32.90 -4.79 -5.09
CA ASP A 277 -33.66 -4.21 -6.20
CA ASP A 277 -33.66 -4.16 -6.16
C ASP A 277 -35.11 -4.64 -6.06
N PRO A 278 -36.11 -3.76 -5.97
CA PRO A 278 -35.90 -2.31 -6.15
C PRO A 278 -35.55 -1.53 -4.89
N GLY A 279 -35.64 -2.12 -3.71
CA GLY A 279 -35.27 -1.43 -2.49
C GLY A 279 -36.42 -0.64 -1.88
N SER A 280 -37.63 -1.17 -1.97
CA SER A 280 -38.86 -0.57 -1.46
C SER A 280 -39.47 -1.43 -0.36
N PHE A 281 -40.14 -0.77 0.61
CA PHE A 281 -40.78 -1.49 1.71
C PHE A 281 -41.70 -2.60 1.24
N SER A 282 -42.51 -2.35 0.20
CA SER A 282 -43.61 -3.25 -0.14
C SER A 282 -43.33 -4.14 -1.36
N VAL A 283 -42.06 -4.31 -1.73
CA VAL A 283 -41.70 -5.16 -2.86
C VAL A 283 -40.65 -6.18 -2.41
N VAL A 284 -41.00 -7.46 -2.51
CA VAL A 284 -40.03 -8.54 -2.37
C VAL A 284 -38.95 -8.33 -3.43
N PRO A 285 -37.67 -8.19 -3.05
CA PRO A 285 -36.61 -7.90 -4.04
C PRO A 285 -36.46 -9.03 -5.04
N GLY A 286 -36.48 -8.68 -6.33
CA GLY A 286 -36.27 -9.66 -7.38
C GLY A 286 -34.81 -9.86 -7.77
N LYS A 287 -33.97 -8.91 -7.38
CA LYS A 287 -32.52 -9.00 -7.60
C LYS A 287 -31.80 -8.42 -6.41
N ALA A 288 -30.57 -8.88 -6.20
CA ALA A 288 -29.74 -8.43 -5.08
C ALA A 288 -28.29 -8.68 -5.46
N VAL A 289 -27.39 -7.81 -4.98
CA VAL A 289 -25.97 -7.97 -5.26
CA VAL A 289 -25.96 -7.93 -5.28
C VAL A 289 -25.17 -7.57 -4.03
N LEU A 290 -24.11 -8.34 -3.76
CA LEU A 290 -23.17 -7.95 -2.72
C LEU A 290 -21.78 -7.81 -3.34
N HIS A 291 -20.95 -7.00 -2.72
CA HIS A 291 -19.54 -6.89 -3.06
C HIS A 291 -18.73 -7.57 -1.95
N LEU A 292 -17.83 -8.46 -2.34
CA LEU A 292 -17.03 -9.26 -1.42
C LEU A 292 -15.55 -9.04 -1.71
N GLN A 293 -14.77 -8.82 -0.67
CA GLN A 293 -13.33 -8.73 -0.80
C GLN A 293 -12.72 -9.72 0.18
N PHE A 294 -11.58 -10.32 -0.18
CA PHE A 294 -10.84 -11.04 0.86
C PHE A 294 -9.35 -10.97 0.55
N ARG A 295 -8.56 -11.13 1.62
CA ARG A 295 -7.11 -10.96 1.55
C ARG A 295 -6.44 -11.97 2.44
N ASP A 296 -5.25 -12.41 2.02
CA ASP A 296 -4.47 -13.32 2.85
C ASP A 296 -3.02 -13.29 2.35
N ALA A 297 -2.10 -13.56 3.27
CA ALA A 297 -0.68 -13.62 2.91
C ALA A 297 -0.27 -14.96 2.30
N ASN A 298 -1.11 -16.00 2.45
CA ASN A 298 -0.73 -17.34 2.04
C ASN A 298 -1.38 -17.67 0.70
N PRO A 299 -0.62 -17.85 -0.37
CA PRO A 299 -1.25 -18.06 -1.68
C PRO A 299 -2.12 -19.31 -1.72
N ASN A 300 -1.72 -20.39 -1.05
CA ASN A 300 -2.55 -21.59 -1.03
C ASN A 300 -3.91 -21.30 -0.40
N ARG A 301 -3.90 -20.56 0.71
CA ARG A 301 -5.18 -20.25 1.38
C ARG A 301 -6.02 -19.33 0.52
N LEU A 302 -5.39 -18.32 -0.08
CA LEU A 302 -6.13 -17.37 -0.91
C LEU A 302 -6.82 -18.09 -2.06
N HIS A 303 -6.12 -19.05 -2.69
CA HIS A 303 -6.70 -19.82 -3.79
CA HIS A 303 -6.72 -19.79 -3.78
C HIS A 303 -7.76 -20.78 -3.28
N ALA A 304 -7.55 -21.37 -2.11
CA ALA A 304 -8.57 -22.27 -1.55
C ALA A 304 -9.84 -21.51 -1.20
N MET A 305 -9.70 -20.25 -0.76
CA MET A 305 -10.88 -19.43 -0.47
C MET A 305 -11.66 -19.14 -1.75
N GLU A 306 -10.95 -18.80 -2.83
CA GLU A 306 -11.61 -18.60 -4.11
CA GLU A 306 -11.62 -18.59 -4.10
C GLU A 306 -12.31 -19.87 -4.58
N ASN A 307 -11.61 -21.01 -4.47
CA ASN A 307 -12.22 -22.27 -4.88
C ASN A 307 -13.45 -22.60 -4.03
N ALA A 308 -13.39 -22.30 -2.73
CA ALA A 308 -14.52 -22.55 -1.84
C ALA A 308 -15.71 -21.68 -2.21
N LEU A 309 -15.44 -20.44 -2.59
CA LEU A 309 -16.53 -19.54 -3.00
C LEU A 309 -17.19 -20.03 -4.29
N VAL A 310 -16.37 -20.43 -5.27
CA VAL A 310 -16.91 -21.01 -6.49
C VAL A 310 -17.76 -22.23 -6.16
N ALA A 311 -17.28 -23.08 -5.25
CA ALA A 311 -18.03 -24.28 -4.90
C ALA A 311 -19.33 -23.94 -4.18
N LEU A 312 -19.32 -22.90 -3.33
CA LEU A 312 -20.54 -22.48 -2.67
C LEU A 312 -21.60 -22.03 -3.68
N VAL A 313 -21.19 -21.29 -4.71
CA VAL A 313 -22.13 -20.85 -5.72
C VAL A 313 -22.73 -22.06 -6.45
N ASP A 314 -21.88 -23.02 -6.82
CA ASP A 314 -22.37 -24.23 -7.49
CA ASP A 314 -22.37 -24.22 -7.49
C ASP A 314 -23.31 -25.02 -6.58
N GLU A 315 -22.97 -25.14 -5.30
CA GLU A 315 -23.88 -25.82 -4.37
C GLU A 315 -25.19 -25.08 -4.23
N TRP A 316 -25.13 -23.76 -4.05
CA TRP A 316 -26.34 -22.96 -3.98
C TRP A 316 -27.22 -23.21 -5.19
N ASN A 317 -26.64 -23.17 -6.39
CA ASN A 317 -27.42 -23.29 -7.62
C ASN A 317 -27.94 -24.71 -7.85
N GLY A 318 -27.47 -25.68 -7.08
CA GLY A 318 -28.03 -27.02 -7.16
C GLY A 318 -29.18 -27.23 -6.20
N GLN A 319 -29.65 -26.18 -5.53
CA GLN A 319 -30.63 -26.38 -4.47
C GLN A 319 -31.74 -25.33 -4.46
N HIS A 320 -31.40 -24.06 -4.69
CA HIS A 320 -32.31 -22.97 -4.36
C HIS A 320 -32.98 -22.38 -5.60
N LEU A 321 -34.15 -21.77 -5.37
CA LEU A 321 -34.90 -21.17 -6.48
C LEU A 321 -34.27 -19.86 -6.94
N VAL A 322 -33.65 -19.11 -6.05
CA VAL A 322 -32.94 -17.90 -6.43
C VAL A 322 -31.58 -18.29 -6.98
N ARG A 323 -31.27 -17.88 -8.20
CA ARG A 323 -29.99 -18.22 -8.82
CA ARG A 323 -29.99 -18.22 -8.82
C ARG A 323 -28.89 -17.28 -8.34
N ALA A 324 -27.70 -17.84 -8.10
CA ALA A 324 -26.51 -17.06 -7.72
C ALA A 324 -25.53 -16.99 -8.89
N GLU A 325 -24.86 -15.84 -9.00
CA GLU A 325 -23.98 -15.60 -10.14
C GLU A 325 -22.74 -14.86 -9.66
N LEU A 326 -21.57 -15.46 -9.85
CA LEU A 326 -20.32 -14.92 -9.32
C LEU A 326 -19.56 -14.21 -10.43
N ILE A 327 -19.12 -12.98 -10.16
CA ILE A 327 -18.41 -12.18 -11.16
C ILE A 327 -17.08 -11.75 -10.57
N ALA A 328 -15.99 -12.17 -11.19
CA ALA A 328 -14.67 -11.74 -10.73
C ALA A 328 -14.44 -10.29 -11.12
N CYS A 329 -13.85 -9.51 -10.21
CA CYS A 329 -13.47 -8.14 -10.52
C CYS A 329 -12.03 -8.08 -10.98
N GLU A 330 -11.75 -7.16 -11.90
CA GLU A 330 -10.38 -6.97 -12.35
C GLU A 330 -9.51 -6.52 -11.18
N GLY A 331 -8.22 -6.85 -11.26
CA GLY A 331 -7.25 -6.37 -10.31
C GLY A 331 -6.91 -7.29 -9.16
N ALA A 332 -7.14 -8.60 -9.30
CA ALA A 332 -6.67 -9.54 -8.29
C ALA A 332 -5.15 -9.42 -8.11
N GLU A 333 -4.68 -9.64 -6.89
CA GLU A 333 -3.26 -9.55 -6.59
C GLU A 333 -2.83 -10.79 -5.83
N GLU A 334 -1.57 -11.25 -6.10
CA GLU A 334 -1.02 -12.35 -5.33
C GLU A 334 -0.26 -11.81 -4.12
N PRO A 335 -0.10 -12.61 -3.07
CA PRO A 335 0.80 -12.21 -1.97
C PRO A 335 2.21 -11.97 -2.50
N VAL A 336 2.91 -11.05 -1.87
CA VAL A 336 4.28 -10.69 -2.26
C VAL A 336 5.12 -10.70 -0.98
N THR A 337 6.07 -11.65 -0.90
CA THR A 337 6.86 -11.75 0.31
C THR A 337 7.95 -10.68 0.34
N MET A 338 8.25 -10.19 1.54
CA MET A 338 9.39 -9.31 1.70
C MET A 338 10.65 -10.17 1.84
N ASP A 339 11.78 -9.61 1.39
CA ASP A 339 13.03 -10.38 1.36
C ASP A 339 13.38 -10.89 2.76
N ALA A 340 13.69 -12.19 2.88
CA ALA A 340 13.89 -12.76 4.21
C ALA A 340 15.14 -12.20 4.90
N ALA A 341 16.24 -12.02 4.18
CA ALA A 341 17.43 -11.47 4.83
C ALA A 341 17.23 -10.00 5.22
N LEU A 342 16.54 -9.20 4.39
CA LEU A 342 16.24 -7.82 4.77
C LEU A 342 15.37 -7.77 6.00
N GLN A 343 14.32 -8.62 6.03
CA GLN A 343 13.48 -8.69 7.24
C GLN A 343 14.32 -8.95 8.46
N GLN A 344 15.30 -9.83 8.33
CA GLN A 344 16.08 -10.17 9.51
C GLN A 344 16.98 -9.01 9.94
N HIS A 345 17.52 -8.23 9.00
CA HIS A 345 18.18 -6.98 9.41
C HIS A 345 17.23 -6.04 10.13
N LEU A 346 15.99 -5.91 9.64
CA LEU A 346 15.03 -5.06 10.34
C LEU A 346 14.75 -5.61 11.74
N ALA A 347 14.57 -6.94 11.86
CA ALA A 347 14.26 -7.52 13.15
C ALA A 347 15.41 -7.35 14.14
N GLN A 348 16.66 -7.50 13.66
CA GLN A 348 17.81 -7.29 14.54
C GLN A 348 17.87 -5.85 15.03
N ALA A 349 17.60 -4.88 14.15
CA ALA A 349 17.60 -3.49 14.58
C ALA A 349 16.44 -3.21 15.55
N ALA A 350 15.28 -3.81 15.28
CA ALA A 350 14.12 -3.60 16.15
C ALA A 350 14.38 -4.19 17.52
N ASP A 351 15.02 -5.36 17.57
CA ASP A 351 15.29 -5.97 18.85
C ASP A 351 16.35 -5.18 19.63
N ALA A 352 17.30 -4.57 18.92
CA ALA A 352 18.34 -3.80 19.56
C ALA A 352 17.78 -2.51 20.16
N LEU A 353 16.91 -1.82 19.42
CA LEU A 353 16.48 -0.48 19.80
C LEU A 353 15.08 -0.44 20.41
N ALA A 354 14.24 -1.45 20.15
CA ALA A 354 12.89 -1.51 20.72
C ALA A 354 12.63 -2.89 21.31
N PRO A 355 13.50 -3.37 22.19
CA PRO A 355 13.35 -4.73 22.71
C PRO A 355 12.00 -4.92 23.38
N GLY A 356 11.34 -6.03 23.06
CA GLY A 356 10.03 -6.30 23.61
C GLY A 356 8.90 -5.48 23.04
N GLN A 357 9.16 -4.62 22.05
CA GLN A 357 8.11 -3.75 21.51
C GLN A 357 8.04 -3.85 19.99
N TRP A 358 8.43 -4.98 19.41
CA TRP A 358 8.33 -5.16 17.97
C TRP A 358 7.74 -6.53 17.64
N MET A 359 7.20 -6.66 16.43
CA MET A 359 6.67 -7.96 16.00
C MET A 359 6.76 -8.10 14.49
N HIS A 360 6.80 -9.35 14.03
CA HIS A 360 6.54 -9.65 12.62
C HIS A 360 5.03 -9.59 12.36
N MET A 361 4.67 -9.17 11.14
CA MET A 361 3.25 -9.07 10.79
C MET A 361 3.11 -8.90 9.29
N PRO A 362 2.01 -9.35 8.69
CA PRO A 362 1.77 -9.03 7.29
C PRO A 362 1.32 -7.58 7.13
N SER A 363 1.43 -7.08 5.90
CA SER A 363 0.80 -5.83 5.51
C SER A 363 -0.55 -6.13 4.88
N GLY A 364 -1.63 -5.67 5.52
CA GLY A 364 -2.94 -5.90 4.94
C GLY A 364 -3.29 -4.96 3.81
N ALA A 365 -2.45 -3.95 3.55
CA ALA A 365 -2.68 -2.97 2.51
C ALA A 365 -1.59 -3.06 1.45
N SER A 366 -1.88 -2.52 0.27
CA SER A 366 -0.94 -2.50 -0.84
CA SER A 366 -0.92 -2.52 -0.82
C SER A 366 0.00 -1.30 -0.74
N HIS A 367 1.19 -1.43 -1.32
CA HIS A 367 2.24 -0.41 -1.25
C HIS A 367 3.11 -0.54 -2.48
N ASP A 368 3.86 0.53 -2.78
CA ASP A 368 4.86 0.47 -3.85
C ASP A 368 5.81 -0.71 -3.67
N ALA A 369 6.09 -1.10 -2.42
CA ALA A 369 7.02 -2.21 -2.18
C ALA A 369 6.55 -3.50 -2.84
N GLN A 370 5.23 -3.67 -3.03
CA GLN A 370 4.79 -4.91 -3.67
C GLN A 370 5.20 -4.95 -5.13
N VAL A 371 5.33 -3.79 -5.77
CA VAL A 371 5.81 -3.72 -7.15
C VAL A 371 7.32 -3.92 -7.20
N ILE A 372 8.04 -3.22 -6.33
CA ILE A 372 9.50 -3.23 -6.39
C ILE A 372 10.04 -4.61 -5.99
N ALA A 373 9.37 -5.27 -5.03
CA ALA A 373 9.85 -6.55 -4.50
C ALA A 373 9.94 -7.64 -5.56
N GLN A 374 9.19 -7.52 -6.65
CA GLN A 374 9.26 -8.51 -7.71
CA GLN A 374 9.26 -8.50 -7.72
C GLN A 374 10.51 -8.38 -8.56
N HIS A 375 11.32 -7.33 -8.34
CA HIS A 375 12.51 -7.07 -9.14
C HIS A 375 13.80 -7.03 -8.35
N ILE A 376 13.78 -6.48 -7.13
CA ILE A 376 14.94 -6.50 -6.25
C ILE A 376 14.46 -6.79 -4.83
N PRO A 377 15.37 -7.24 -3.96
CA PRO A 377 15.01 -7.45 -2.55
C PRO A 377 14.36 -6.22 -1.95
N ALA A 378 13.18 -6.40 -1.33
CA ALA A 378 12.45 -5.30 -0.70
C ALA A 378 12.02 -5.67 0.70
N CYS A 379 11.82 -4.64 1.54
CA CYS A 379 11.30 -4.87 2.88
C CYS A 379 10.52 -3.65 3.33
N MET A 380 9.66 -3.85 4.33
CA MET A 380 8.90 -2.74 4.92
C MET A 380 9.01 -2.75 6.43
N LEU A 381 8.94 -1.55 7.01
CA LEU A 381 8.94 -1.38 8.46
C LEU A 381 7.74 -0.53 8.83
N PHE A 382 6.93 -0.99 9.80
CA PHE A 382 5.72 -0.29 10.20
C PHE A 382 5.90 0.41 11.56
N VAL A 383 5.28 1.58 11.69
CA VAL A 383 5.09 2.23 12.98
CA VAL A 383 5.10 2.34 12.93
C VAL A 383 3.58 2.39 13.19
N PRO A 384 3.10 2.38 14.44
CA PRO A 384 1.65 2.43 14.62
C PRO A 384 1.09 3.80 14.32
N SER A 385 -0.20 3.81 13.99
CA SER A 385 -0.95 5.05 13.93
C SER A 385 -2.27 4.86 14.68
N ILE A 386 -2.71 5.92 15.34
CA ILE A 386 -3.90 5.85 16.19
C ILE A 386 -5.12 6.17 15.34
N ILE A 394 -8.55 11.72 11.91
CA ILE A 394 -7.29 12.38 12.17
C ILE A 394 -6.16 11.35 12.38
N GLU A 395 -5.58 10.88 11.28
CA GLU A 395 -4.47 9.94 11.33
C GLU A 395 -3.26 10.58 12.01
N ASP A 396 -2.59 9.82 12.89
CA ASP A 396 -1.50 10.41 13.67
C ASP A 396 -0.67 9.33 14.38
N THR A 397 0.55 9.72 14.75
CA THR A 397 1.52 8.88 15.46
C THR A 397 2.29 9.76 16.43
N ALA A 398 2.48 9.31 17.67
CA ALA A 398 3.23 10.10 18.65
C ALA A 398 4.61 10.42 18.12
N GLU A 399 5.10 11.64 18.41
CA GLU A 399 6.39 12.05 17.86
C GLU A 399 7.50 11.10 18.29
N GLN A 400 7.48 10.65 19.55
CA GLN A 400 8.53 9.73 19.99
CA GLN A 400 8.55 9.74 19.97
C GLN A 400 8.48 8.40 19.24
N HIS A 401 7.31 8.00 18.74
CA HIS A 401 7.27 6.78 17.95
C HIS A 401 7.68 7.02 16.50
N ILE A 402 7.42 8.22 15.97
CA ILE A 402 8.00 8.57 14.66
C ILE A 402 9.52 8.54 14.72
N VAL A 403 10.08 9.10 15.79
CA VAL A 403 11.54 9.11 15.96
C VAL A 403 12.08 7.69 16.12
N LEU A 404 11.44 6.88 16.97
CA LEU A 404 11.93 5.50 17.15
C LEU A 404 11.90 4.72 15.84
N GLY A 405 10.82 4.85 15.06
CA GLY A 405 10.77 4.18 13.77
C GLY A 405 11.95 4.53 12.89
N CYS A 406 12.33 5.80 12.90
CA CYS A 406 13.45 6.23 12.05
C CYS A 406 14.77 5.73 12.61
N GLU A 407 14.92 5.72 13.95
CA GLU A 407 16.13 5.13 14.54
C GLU A 407 16.29 3.66 14.16
N VAL A 408 15.21 2.89 14.23
CA VAL A 408 15.26 1.47 13.84
C VAL A 408 15.60 1.35 12.36
N ALA A 409 14.93 2.15 11.53
CA ALA A 409 15.17 2.07 10.08
C ALA A 409 16.61 2.46 9.73
N ALA A 410 17.14 3.49 10.40
CA ALA A 410 18.51 3.93 10.12
C ALA A 410 19.54 2.86 10.52
N ARG A 411 19.33 2.24 11.70
CA ARG A 411 20.24 1.18 12.12
CA ARG A 411 20.20 1.16 12.14
C ARG A 411 20.19 0.00 11.15
N ALA A 412 18.99 -0.44 10.78
CA ALA A 412 18.87 -1.52 9.80
C ALA A 412 19.49 -1.12 8.47
N ALA A 413 19.26 0.12 8.03
CA ALA A 413 19.82 0.56 6.75
C ALA A 413 21.33 0.49 6.78
N ALA A 414 21.94 0.89 7.90
CA ALA A 414 23.40 0.79 8.02
C ALA A 414 23.86 -0.65 7.86
N ARG A 415 23.15 -1.59 8.48
CA ARG A 415 23.55 -3.00 8.41
CA ARG A 415 23.56 -3.00 8.41
C ARG A 415 23.28 -3.57 7.03
N ILE A 416 22.14 -3.22 6.44
CA ILE A 416 21.80 -3.70 5.10
C ILE A 416 22.81 -3.21 4.09
N ALA A 417 23.09 -1.91 4.12
CA ALA A 417 24.05 -1.35 3.17
C ALA A 417 25.45 -1.89 3.41
N GLY A 418 25.84 -2.05 4.67
CA GLY A 418 27.16 -2.58 4.97
C GLY A 418 27.32 -4.02 4.49
N ALA A 419 26.22 -4.76 4.47
CA ALA A 419 26.27 -6.16 4.04
C ALA A 419 26.39 -6.30 2.53
N LEU A 420 26.06 -5.25 1.77
CA LEU A 420 26.13 -5.33 0.31
C LEU A 420 27.55 -5.35 -0.22
N ARG A 421 28.53 -5.07 0.61
CA ARG A 421 29.92 -5.07 0.17
CA ARG A 421 29.94 -5.01 0.22
C ARG A 421 30.70 -6.20 0.81
ZN ZN B . 0.93 4.72 1.62
N1 EPE C . -7.17 -1.96 -3.79
C2 EPE C . -7.97 -3.20 -3.81
C3 EPE C . -8.06 -3.78 -5.21
N4 EPE C . -8.38 -2.78 -6.23
C5 EPE C . -7.75 -1.48 -6.13
C6 EPE C . -7.76 -0.97 -4.70
C7 EPE C . -8.77 -3.25 -7.54
C8 EPE C . -9.47 -2.18 -8.37
O8 EPE C . -10.64 -1.73 -7.72
C9 EPE C . -7.18 -1.41 -2.41
C10 EPE C . -5.81 -0.86 -2.01
S EPE C . -5.56 -1.03 -0.24
O1S EPE C . -6.89 -1.17 0.37
O2S EPE C . -4.94 0.16 0.34
O3S EPE C . -4.77 -2.22 -0.01
S SO4 D . 22.66 -6.61 16.59
O1 SO4 D . 21.91 -7.73 17.16
O2 SO4 D . 22.32 -5.38 17.31
O3 SO4 D . 24.10 -6.88 16.72
O4 SO4 D . 22.33 -6.47 15.18
S SO4 E . 15.96 -11.21 16.23
O1 SO4 E . 15.69 -11.57 17.62
O2 SO4 E . 15.51 -9.84 16.01
O3 SO4 E . 17.39 -11.29 15.98
O4 SO4 E . 15.25 -12.11 15.33
C1 EDO F . -51.62 -12.28 2.42
O1 EDO F . -50.96 -11.42 3.39
C2 EDO F . -50.72 -13.41 1.92
O2 EDO F . -50.73 -14.52 2.84
C1 EDO G . -17.78 -13.16 10.67
O1 EDO G . -16.92 -14.30 10.62
C2 EDO G . -17.58 -12.31 9.42
O2 EDO G . -18.37 -11.10 9.54
C1 EDO H . -34.92 -21.36 -1.81
O1 EDO H . -35.62 -22.52 -2.27
C2 EDO H . -35.20 -20.21 -2.77
O2 EDO H . -34.00 -19.45 -2.98
C1 EDO I . 13.64 -9.80 -6.31
O1 EDO I . 12.51 -10.65 -6.05
C2 EDO I . 14.92 -10.48 -5.84
O2 EDO I . 14.74 -10.94 -4.50
C1 EDO J . 1.58 1.48 20.29
O1 EDO J . 0.79 0.63 19.45
C2 EDO J . 0.89 2.82 20.55
O2 EDO J . 0.54 2.89 21.94
C1 EDO K . 17.30 21.00 11.27
C1 EDO K . 17.46 21.04 11.66
O1 EDO K . 18.07 21.02 10.06
O1 EDO K . 16.14 21.21 11.14
C2 EDO K . 18.21 21.25 12.48
C2 EDO K . 17.42 20.64 13.13
O2 EDO K . 18.13 20.15 13.40
O2 EDO K . 18.70 20.17 13.57
C1 EDO L . 20.91 19.24 7.07
O1 EDO L . 19.72 20.03 6.87
C2 EDO L . 21.52 18.76 5.75
O2 EDO L . 20.74 19.17 4.62
#